data_4EFH
#
_entry.id   4EFH
#
_cell.length_a   53.006
_cell.length_b   71.791
_cell.length_c   126.089
_cell.angle_alpha   90.000
_cell.angle_beta   90.000
_cell.angle_gamma   90.000
#
_symmetry.space_group_name_H-M   'P 21 21 21'
#
loop_
_entity.id
_entity.type
_entity.pdbx_description
1 polymer Actin-1
2 polymer 'Protein spire'
3 non-polymer 'CALCIUM ION'
4 non-polymer "ADENOSINE-5'-DIPHOSPHATE"
5 water water
#
loop_
_entity_poly.entity_id
_entity_poly.type
_entity_poly.pdbx_seq_one_letter_code
_entity_poly.pdbx_strand_id
1 'polypeptide(L)'
;MGDEVQALVIDNGSGMCKAGFAGDDAPRAVFPSIVGRPRHTGVMVGMGQKDSYVGDEAQSKRGILTLKYPIEHGIVTNWD
DMEKIWHHTFYNELRVAPEEHPVLLTEAPLNPKANREKMTQIMFETFNTPAMYVAIQAVLSLYASGRTTGIVLDSGDGVT
HTVPIYEGYALPHAILRLDLAGRDLTDYLMKILTERGYSFTTTAEREIVRDIKEKLCYVALDFEQEMHTAASSSALEKSY
ELPDGQVITIGNERFRAPEALFQPSFLGMESAGIHETTYNSIMKCDVDIRKDLYGNVVLSGGTTMFPGIADRMQKELTAL
APSTMKIKIIAPPERKYSVWIGGSILASLSTFQQMWISKEEYDESGPSIVHRKCF
;
A
2 'polypeptide(L)' GPLGSKKDAHAMILEFIRSRPPLKKASDRQLGPPRMCEPSPREQLMESIRKGKELKQITPPEAAAS B
#
# COMPACT_ATOMS: atom_id res chain seq x y z
N VAL A 5 -2.86 -19.22 -20.00
CA VAL A 5 -2.15 -17.96 -20.27
C VAL A 5 -2.38 -16.97 -19.13
N GLN A 6 -1.81 -17.26 -17.94
CA GLN A 6 -2.04 -16.43 -16.76
C GLN A 6 -1.12 -15.27 -16.63
N ALA A 7 -1.69 -14.06 -16.45
CA ALA A 7 -0.91 -12.86 -16.20
C ALA A 7 -0.51 -12.86 -14.73
N LEU A 8 0.65 -12.25 -14.41
CA LEU A 8 1.14 -12.18 -13.03
C LEU A 8 0.92 -10.80 -12.53
N VAL A 9 0.61 -10.69 -11.23
CA VAL A 9 0.34 -9.40 -10.60
C VAL A 9 1.28 -9.26 -9.44
N ILE A 10 2.11 -8.22 -9.48
CA ILE A 10 3.12 -7.97 -8.45
C ILE A 10 2.98 -6.61 -7.88
N ASP A 11 2.64 -6.58 -6.61
CA ASP A 11 2.50 -5.36 -5.85
C ASP A 11 3.69 -5.26 -4.91
N ASN A 12 4.63 -4.38 -5.26
CA ASN A 12 5.86 -4.16 -4.49
C ASN A 12 5.61 -3.02 -3.50
N GLY A 13 5.31 -3.39 -2.27
CA GLY A 13 4.99 -2.40 -1.25
C GLY A 13 6.23 -2.06 -0.49
N SER A 14 6.20 -0.93 0.23
CA SER A 14 7.32 -0.47 1.05
C SER A 14 7.70 -1.46 2.15
N GLY A 15 6.72 -2.27 2.54
CA GLY A 15 6.91 -3.24 3.60
C GLY A 15 6.69 -4.67 3.17
N MET A 16 5.64 -4.93 2.39
CA MET A 16 5.33 -6.30 1.96
C MET A 16 5.12 -6.36 0.47
N CYS A 17 5.67 -7.41 -0.14
CA CYS A 17 5.43 -7.67 -1.55
C CYS A 17 4.28 -8.68 -1.60
N LYS A 18 3.31 -8.41 -2.45
CA LYS A 18 2.10 -9.20 -2.66
C LYS A 18 2.20 -9.67 -4.10
N ALA A 19 2.06 -10.99 -4.32
CA ALA A 19 2.18 -11.53 -5.66
C ALA A 19 1.23 -12.67 -5.93
N GLY A 20 0.79 -12.76 -7.17
CA GLY A 20 -0.08 -13.85 -7.55
C GLY A 20 -0.51 -13.81 -8.99
N PHE A 21 -1.62 -14.50 -9.27
CA PHE A 21 -2.14 -14.67 -10.62
C PHE A 21 -3.37 -13.86 -10.86
N ALA A 22 -3.38 -13.14 -12.02
CA ALA A 22 -4.55 -12.30 -12.42
C ALA A 22 -5.76 -13.22 -12.59
N GLY A 23 -6.91 -12.80 -12.06
CA GLY A 23 -8.14 -13.59 -12.09
C GLY A 23 -8.44 -14.22 -10.76
N ASP A 24 -7.42 -14.28 -9.86
CA ASP A 24 -7.52 -14.79 -8.50
C ASP A 24 -7.98 -13.71 -7.55
N ASP A 25 -8.71 -14.09 -6.49
CA ASP A 25 -9.24 -13.13 -5.52
C ASP A 25 -8.22 -12.64 -4.48
N ALA A 26 -7.06 -13.28 -4.41
CA ALA A 26 -6.04 -12.97 -3.41
C ALA A 26 -4.63 -13.35 -3.89
N PRO A 27 -3.58 -12.66 -3.40
CA PRO A 27 -2.22 -13.04 -3.79
C PRO A 27 -1.85 -14.42 -3.26
N ARG A 28 -1.01 -15.17 -4.00
CA ARG A 28 -0.55 -16.47 -3.55
C ARG A 28 0.60 -16.32 -2.55
N ALA A 29 1.30 -15.19 -2.60
CA ALA A 29 2.43 -14.93 -1.73
C ALA A 29 2.45 -13.48 -1.23
N VAL A 30 2.75 -13.33 0.06
CA VAL A 30 2.89 -12.07 0.80
C VAL A 30 4.14 -12.25 1.65
N PHE A 31 5.18 -11.46 1.38
CA PHE A 31 6.49 -11.56 2.03
C PHE A 31 7.15 -10.17 2.21
N PRO A 32 7.92 -9.96 3.31
CA PRO A 32 8.58 -8.64 3.53
C PRO A 32 9.45 -8.19 2.35
N SER A 33 9.45 -6.89 2.02
CA SER A 33 10.22 -6.33 0.91
C SER A 33 11.67 -6.03 1.39
N ILE A 34 12.38 -7.11 1.77
CA ILE A 34 13.73 -7.04 2.32
C ILE A 34 14.67 -7.98 1.59
N VAL A 35 15.91 -7.55 1.38
CA VAL A 35 16.97 -8.35 0.74
C VAL A 35 18.06 -8.46 1.81
N GLY A 36 18.61 -9.65 2.01
CA GLY A 36 19.68 -9.86 2.98
C GLY A 36 20.98 -10.22 2.31
N ARG A 37 22.04 -9.45 2.57
CA ARG A 37 23.36 -9.71 1.98
C ARG A 37 24.35 -10.18 3.05
N PRO A 38 25.06 -11.33 2.84
CA PRO A 38 26.05 -11.78 3.86
C PRO A 38 27.10 -10.72 4.17
N ARG A 39 27.40 -10.55 5.46
CA ARG A 39 28.37 -9.56 5.93
C ARG A 39 29.81 -10.01 5.67
N HIS A 40 30.10 -11.31 5.86
CA HIS A 40 31.43 -11.91 5.70
C HIS A 40 31.92 -12.18 4.26
N THR A 41 30.99 -12.40 3.30
CA THR A 41 31.25 -12.69 1.87
C THR A 41 32.24 -13.88 1.68
N GLY A 42 31.84 -15.04 2.19
CA GLY A 42 32.62 -16.27 2.11
C GLY A 42 31.85 -17.43 1.53
N GLN A 49 24.98 -21.47 2.49
CA GLN A 49 25.60 -20.31 1.88
C GLN A 49 24.97 -19.94 0.52
N LYS A 50 24.43 -18.71 0.43
CA LYS A 50 23.80 -18.13 -0.77
C LYS A 50 24.20 -16.66 -0.92
N ASP A 51 24.24 -16.16 -2.17
CA ASP A 51 24.66 -14.79 -2.50
C ASP A 51 23.75 -13.69 -1.92
N SER A 52 22.45 -14.00 -1.73
CA SER A 52 21.44 -13.10 -1.18
C SER A 52 20.25 -13.91 -0.69
N TYR A 53 19.45 -13.32 0.20
CA TYR A 53 18.22 -13.89 0.75
C TYR A 53 17.12 -12.84 0.61
N VAL A 54 15.90 -13.25 0.33
CA VAL A 54 14.76 -12.35 0.15
C VAL A 54 13.63 -12.76 1.10
N GLY A 55 12.88 -11.77 1.60
CA GLY A 55 11.71 -11.94 2.46
C GLY A 55 11.93 -12.60 3.81
N ASP A 56 11.06 -13.60 4.12
CA ASP A 56 11.04 -14.36 5.37
C ASP A 56 12.35 -14.99 5.70
N GLU A 57 13.07 -15.54 4.68
CA GLU A 57 14.38 -16.14 4.86
C GLU A 57 15.42 -15.11 5.25
N ALA A 58 15.37 -13.88 4.66
CA ALA A 58 16.31 -12.80 4.98
C ALA A 58 16.18 -12.40 6.45
N GLN A 59 14.94 -12.32 6.95
CA GLN A 59 14.59 -11.97 8.32
C GLN A 59 15.02 -13.04 9.31
N SER A 60 14.89 -14.33 8.93
CA SER A 60 15.24 -15.45 9.79
C SER A 60 16.74 -15.64 9.96
N LYS A 61 17.53 -14.95 9.11
CA LYS A 61 19.01 -14.97 9.12
C LYS A 61 19.55 -13.53 9.37
N ARG A 62 18.69 -12.59 9.86
CA ARG A 62 19.01 -11.18 10.13
C ARG A 62 20.32 -10.92 10.88
N GLY A 63 20.72 -11.84 11.75
CA GLY A 63 21.94 -11.78 12.55
C GLY A 63 23.23 -12.00 11.79
N ILE A 64 23.14 -12.48 10.54
CA ILE A 64 24.34 -12.72 9.72
C ILE A 64 24.26 -11.99 8.39
N LEU A 65 23.18 -11.28 8.16
CA LEU A 65 23.01 -10.56 6.91
C LEU A 65 22.90 -9.05 7.14
N THR A 66 23.26 -8.30 6.10
CA THR A 66 23.03 -6.87 6.00
C THR A 66 21.64 -6.82 5.37
N LEU A 67 20.64 -6.42 6.16
CA LEU A 67 19.28 -6.35 5.67
C LEU A 67 19.03 -5.06 4.93
N LYS A 68 18.47 -5.17 3.72
CA LYS A 68 18.16 -4.06 2.83
C LYS A 68 16.66 -3.87 2.62
N TYR A 69 16.18 -2.61 2.63
CA TYR A 69 14.77 -2.22 2.47
C TYR A 69 14.74 -1.33 1.21
N PRO A 70 14.83 -1.94 -0.01
CA PRO A 70 14.98 -1.12 -1.25
C PRO A 70 13.83 -0.23 -1.66
N ILE A 71 12.67 -0.41 -1.03
CA ILE A 71 11.44 0.33 -1.32
C ILE A 71 10.88 0.94 -0.04
N GLU A 72 11.72 1.22 0.95
CA GLU A 72 11.45 1.78 2.28
C GLU A 72 10.27 2.78 2.32
N HIS A 73 10.25 3.79 1.42
CA HIS A 73 9.19 4.79 1.30
C HIS A 73 8.40 4.75 -0.03
N GLY A 74 8.24 3.56 -0.61
CA GLY A 74 7.45 3.42 -1.84
C GLY A 74 8.16 3.59 -3.16
N ILE A 75 9.32 4.28 -3.13
CA ILE A 75 10.19 4.53 -4.28
C ILE A 75 11.42 3.62 -4.15
N VAL A 76 11.80 2.93 -5.25
CA VAL A 76 12.97 2.04 -5.25
C VAL A 76 14.24 2.89 -5.13
N THR A 77 15.11 2.58 -4.16
CA THR A 77 16.39 3.25 -4.01
C THR A 77 17.56 2.34 -4.46
N ASN A 78 17.30 1.05 -4.72
CA ASN A 78 18.34 0.10 -5.18
C ASN A 78 17.76 -0.96 -6.14
N TRP A 79 18.17 -0.88 -7.43
CA TRP A 79 17.67 -1.76 -8.51
C TRP A 79 18.10 -3.20 -8.50
N ASP A 80 19.33 -3.47 -8.01
CA ASP A 80 19.86 -4.82 -7.83
C ASP A 80 18.99 -5.52 -6.77
N ASP A 81 18.74 -4.82 -5.63
CA ASP A 81 17.90 -5.36 -4.56
C ASP A 81 16.49 -5.62 -5.13
N MET A 82 16.00 -4.69 -5.95
CA MET A 82 14.71 -4.87 -6.62
C MET A 82 14.66 -6.14 -7.55
N GLU A 83 15.71 -6.36 -8.39
CA GLU A 83 15.83 -7.53 -9.29
C GLU A 83 15.80 -8.86 -8.47
N LYS A 84 16.50 -8.86 -7.31
CA LYS A 84 16.54 -9.98 -6.37
C LYS A 84 15.17 -10.29 -5.80
N ILE A 85 14.40 -9.25 -5.43
CA ILE A 85 13.03 -9.42 -4.94
C ILE A 85 12.18 -10.02 -6.06
N TRP A 86 12.28 -9.47 -7.30
CA TRP A 86 11.52 -9.99 -8.44
C TRP A 86 11.89 -11.45 -8.78
N HIS A 87 13.20 -11.75 -8.80
CA HIS A 87 13.72 -13.11 -9.06
C HIS A 87 13.14 -14.10 -8.02
N HIS A 88 13.13 -13.72 -6.73
CA HIS A 88 12.58 -14.53 -5.65
C HIS A 88 11.07 -14.71 -5.81
N THR A 89 10.38 -13.67 -6.25
CA THR A 89 8.93 -13.71 -6.49
C THR A 89 8.58 -14.78 -7.56
N PHE A 90 9.27 -14.73 -8.72
CA PHE A 90 9.02 -15.65 -9.83
C PHE A 90 9.42 -17.10 -9.52
N TYR A 91 10.68 -17.28 -9.19
CA TYR A 91 11.28 -18.57 -8.95
C TYR A 91 11.00 -19.25 -7.64
N ASN A 92 10.84 -18.49 -6.55
CA ASN A 92 10.62 -19.14 -5.25
C ASN A 92 9.21 -19.09 -4.72
N GLU A 93 8.54 -17.95 -4.87
CA GLU A 93 7.18 -17.76 -4.38
C GLU A 93 6.08 -18.28 -5.29
N LEU A 94 6.09 -17.90 -6.57
CA LEU A 94 5.04 -18.27 -7.51
C LEU A 94 5.36 -19.53 -8.29
N ARG A 95 6.65 -19.89 -8.37
CA ARG A 95 7.17 -21.06 -9.08
C ARG A 95 6.77 -20.95 -10.56
N VAL A 96 7.13 -19.80 -11.16
CA VAL A 96 6.86 -19.49 -12.57
C VAL A 96 8.14 -19.08 -13.28
N ALA A 97 8.15 -19.20 -14.59
CA ALA A 97 9.22 -18.70 -15.42
C ALA A 97 8.66 -17.35 -15.98
N PRO A 98 9.23 -16.18 -15.64
CA PRO A 98 8.63 -14.90 -16.11
C PRO A 98 8.52 -14.71 -17.63
N GLU A 99 9.26 -15.50 -18.44
CA GLU A 99 9.25 -15.44 -19.91
C GLU A 99 7.96 -16.03 -20.51
N GLU A 100 7.19 -16.71 -19.66
CA GLU A 100 5.93 -17.36 -19.99
C GLU A 100 4.68 -16.55 -19.62
N HIS A 101 4.85 -15.42 -18.94
CA HIS A 101 3.67 -14.70 -18.54
C HIS A 101 3.75 -13.20 -18.73
N PRO A 102 2.62 -12.54 -19.13
CA PRO A 102 2.56 -11.07 -19.06
C PRO A 102 2.68 -10.71 -17.56
N VAL A 103 3.48 -9.66 -17.20
CA VAL A 103 3.67 -9.26 -15.81
C VAL A 103 3.10 -7.86 -15.54
N LEU A 104 2.13 -7.75 -14.62
CA LEU A 104 1.63 -6.46 -14.19
C LEU A 104 2.33 -6.07 -12.87
N LEU A 105 3.04 -4.94 -12.91
CA LEU A 105 3.74 -4.39 -11.76
C LEU A 105 3.03 -3.16 -11.26
N THR A 106 3.10 -2.94 -9.97
CA THR A 106 2.54 -1.75 -9.37
C THR A 106 3.72 -0.79 -9.08
N GLU A 107 3.42 0.49 -8.99
CA GLU A 107 4.33 1.57 -8.68
C GLU A 107 3.67 2.56 -7.76
N ALA A 108 4.48 3.29 -7.02
CA ALA A 108 4.01 4.34 -6.15
C ALA A 108 3.49 5.53 -6.98
N PRO A 109 2.55 6.34 -6.44
CA PRO A 109 2.15 7.57 -7.15
C PRO A 109 3.36 8.51 -7.19
N LEU A 110 3.47 9.32 -8.23
CA LEU A 110 4.58 10.29 -8.41
C LEU A 110 5.93 9.61 -8.57
N ASN A 111 5.94 8.40 -9.15
CA ASN A 111 7.15 7.66 -9.39
C ASN A 111 8.03 8.39 -10.45
N PRO A 112 9.34 8.66 -10.19
CA PRO A 112 10.16 9.34 -11.21
C PRO A 112 10.12 8.59 -12.54
N LYS A 113 10.12 9.32 -13.67
CA LYS A 113 10.10 8.77 -15.02
C LYS A 113 11.24 7.76 -15.30
N ALA A 114 12.41 7.97 -14.71
CA ALA A 114 13.57 7.10 -14.81
C ALA A 114 13.31 5.73 -14.13
N ASN A 115 12.56 5.73 -13.02
CA ASN A 115 12.24 4.49 -12.31
C ASN A 115 11.27 3.63 -13.09
N ARG A 116 10.28 4.26 -13.77
CA ARG A 116 9.31 3.52 -14.59
C ARG A 116 10.04 2.84 -15.75
N GLU A 117 11.08 3.49 -16.27
CA GLU A 117 11.93 2.98 -17.34
C GLU A 117 12.79 1.79 -16.90
N LYS A 118 13.31 1.83 -15.64
CA LYS A 118 14.11 0.75 -15.06
C LYS A 118 13.26 -0.50 -14.85
N MET A 119 12.03 -0.34 -14.33
CA MET A 119 11.06 -1.44 -14.15
C MET A 119 10.83 -2.12 -15.49
N THR A 120 10.53 -1.32 -16.54
CA THR A 120 10.32 -1.79 -17.92
C THR A 120 11.56 -2.52 -18.47
N GLN A 121 12.76 -1.91 -18.37
CA GLN A 121 14.00 -2.50 -18.84
C GLN A 121 14.31 -3.82 -18.14
N ILE A 122 14.30 -3.84 -16.79
CA ILE A 122 14.52 -5.07 -16.01
C ILE A 122 13.55 -6.22 -16.43
N MET A 123 12.26 -5.95 -16.51
CA MET A 123 11.31 -6.95 -16.98
C MET A 123 11.64 -7.55 -18.35
N PHE A 124 11.90 -6.70 -19.36
CA PHE A 124 12.21 -7.22 -20.69
C PHE A 124 13.59 -7.77 -20.85
N GLU A 125 14.58 -7.10 -20.26
CA GLU A 125 15.98 -7.49 -20.39
C GLU A 125 16.47 -8.51 -19.41
N THR A 126 16.14 -8.41 -18.12
CA THR A 126 16.62 -9.38 -17.15
C THR A 126 15.68 -10.59 -17.14
N PHE A 127 14.35 -10.36 -17.13
CA PHE A 127 13.39 -11.45 -16.98
C PHE A 127 12.76 -11.98 -18.24
N ASN A 128 13.03 -11.32 -19.37
CA ASN A 128 12.58 -11.71 -20.70
C ASN A 128 11.06 -11.90 -20.77
N THR A 129 10.31 -11.01 -20.10
CA THR A 129 8.85 -11.10 -20.09
C THR A 129 8.27 -10.88 -21.50
N PRO A 130 7.26 -11.69 -21.92
CA PRO A 130 6.69 -11.48 -23.27
C PRO A 130 5.92 -10.16 -23.38
N ALA A 131 5.40 -9.69 -22.22
CA ALA A 131 4.63 -8.45 -22.08
C ALA A 131 4.64 -7.92 -20.64
N MET A 132 4.44 -6.62 -20.50
CA MET A 132 4.34 -6.04 -19.17
C MET A 132 3.53 -4.79 -19.14
N TYR A 133 3.18 -4.31 -17.94
CA TYR A 133 2.45 -3.08 -17.71
C TYR A 133 2.76 -2.57 -16.28
N VAL A 134 2.81 -1.24 -16.10
CA VAL A 134 3.06 -0.60 -14.81
C VAL A 134 1.84 0.24 -14.44
N ALA A 135 1.19 -0.07 -13.33
CA ALA A 135 0.00 0.64 -12.87
C ALA A 135 0.24 1.31 -11.50
N ILE A 136 -0.34 2.50 -11.27
CA ILE A 136 -0.21 3.20 -9.97
C ILE A 136 -1.05 2.43 -8.95
N GLN A 137 -0.46 2.12 -7.79
CA GLN A 137 -1.13 1.39 -6.71
C GLN A 137 -2.53 1.91 -6.38
N ALA A 138 -2.60 3.22 -6.08
CA ALA A 138 -3.86 3.90 -5.72
C ALA A 138 -4.93 3.76 -6.78
N VAL A 139 -4.56 3.86 -8.06
CA VAL A 139 -5.50 3.69 -9.15
C VAL A 139 -6.08 2.24 -9.14
N LEU A 140 -5.24 1.25 -8.87
CA LEU A 140 -5.67 -0.14 -8.76
C LEU A 140 -6.67 -0.34 -7.65
N SER A 141 -6.48 0.36 -6.51
CA SER A 141 -7.39 0.30 -5.35
C SER A 141 -8.78 0.83 -5.71
N LEU A 142 -8.82 1.98 -6.45
CA LEU A 142 -10.07 2.56 -6.95
C LEU A 142 -10.78 1.53 -7.88
N TYR A 143 -10.04 0.85 -8.80
CA TYR A 143 -10.60 -0.17 -9.71
C TYR A 143 -11.21 -1.36 -8.94
N ALA A 144 -10.55 -1.80 -7.84
CA ALA A 144 -11.01 -2.87 -6.95
C ALA A 144 -12.43 -2.61 -6.36
N SER A 145 -12.78 -1.33 -6.15
CA SER A 145 -14.06 -0.85 -5.63
C SER A 145 -15.06 -0.52 -6.76
N GLY A 146 -14.71 -0.85 -7.99
CA GLY A 146 -15.57 -0.65 -9.16
C GLY A 146 -15.74 0.79 -9.59
N ARG A 147 -14.74 1.66 -9.31
CA ARG A 147 -14.80 3.09 -9.68
C ARG A 147 -13.66 3.48 -10.61
N THR A 148 -13.88 4.48 -11.49
CA THR A 148 -12.84 5.01 -12.38
C THR A 148 -12.48 6.47 -12.03
N THR A 149 -13.37 7.15 -11.28
CA THR A 149 -13.17 8.51 -10.76
C THR A 149 -13.33 8.46 -9.24
N GLY A 150 -12.45 9.15 -8.53
CA GLY A 150 -12.46 9.17 -7.07
C GLY A 150 -11.13 9.59 -6.50
N ILE A 151 -11.04 9.59 -5.17
CA ILE A 151 -9.80 9.97 -4.47
C ILE A 151 -9.43 8.87 -3.53
N VAL A 152 -8.18 8.44 -3.62
CA VAL A 152 -7.68 7.36 -2.78
C VAL A 152 -6.75 7.84 -1.68
N LEU A 153 -7.01 7.38 -0.45
CA LEU A 153 -6.11 7.61 0.69
C LEU A 153 -5.46 6.24 0.88
N ASP A 154 -4.20 6.11 0.41
CA ASP A 154 -3.46 4.85 0.49
C ASP A 154 -2.41 4.95 1.56
N SER A 155 -2.62 4.25 2.68
CA SER A 155 -1.65 4.20 3.76
C SER A 155 -1.09 2.78 3.94
N GLY A 156 0.21 2.62 3.69
CA GLY A 156 0.85 1.32 3.81
C GLY A 156 1.79 1.24 4.98
N ASP A 157 3.03 0.79 4.73
CA ASP A 157 4.01 0.63 5.76
C ASP A 157 4.95 1.83 5.97
N GLY A 158 5.56 2.30 4.89
CA GLY A 158 6.50 3.41 4.96
C GLY A 158 6.02 4.71 4.34
N VAL A 159 4.85 4.71 3.68
CA VAL A 159 4.32 5.90 3.03
C VAL A 159 2.78 5.93 2.95
N THR A 160 2.23 7.15 2.95
CA THR A 160 0.81 7.46 2.77
C THR A 160 0.70 8.43 1.58
N HIS A 161 -0.25 8.17 0.71
CA HIS A 161 -0.54 9.07 -0.43
C HIS A 161 -2.04 9.35 -0.51
N THR A 162 -2.39 10.55 -1.01
CA THR A 162 -3.78 10.98 -1.30
C THR A 162 -3.72 11.21 -2.80
N VAL A 163 -4.52 10.42 -3.54
CA VAL A 163 -4.46 10.39 -5.01
C VAL A 163 -5.83 10.68 -5.69
N PRO A 164 -6.05 11.89 -6.18
CA PRO A 164 -7.27 12.16 -6.95
C PRO A 164 -7.10 11.51 -8.33
N ILE A 165 -8.14 10.83 -8.79
CA ILE A 165 -8.21 10.08 -10.03
C ILE A 165 -9.44 10.49 -10.85
N TYR A 166 -9.21 10.79 -12.13
CA TYR A 166 -10.30 11.13 -13.03
C TYR A 166 -10.18 10.21 -14.21
N GLU A 167 -11.19 9.33 -14.37
CA GLU A 167 -11.32 8.33 -15.41
C GLU A 167 -10.07 7.50 -15.67
N GLY A 168 -9.50 6.98 -14.59
CA GLY A 168 -8.32 6.15 -14.62
C GLY A 168 -7.01 6.88 -14.53
N TYR A 169 -7.03 8.20 -14.79
CA TYR A 169 -5.83 9.03 -14.73
C TYR A 169 -5.64 9.66 -13.37
N ALA A 170 -4.54 9.33 -12.69
CA ALA A 170 -4.11 9.92 -11.44
C ALA A 170 -3.62 11.34 -11.81
N LEU A 171 -4.17 12.38 -11.17
CA LEU A 171 -3.86 13.77 -11.46
C LEU A 171 -2.59 14.15 -10.70
N PRO A 172 -1.40 14.13 -11.37
CA PRO A 172 -0.13 14.32 -10.63
C PRO A 172 0.06 15.62 -9.85
N HIS A 173 -0.38 16.76 -10.41
CA HIS A 173 -0.29 18.07 -9.75
C HIS A 173 -1.03 18.05 -8.38
N ALA A 174 -2.10 17.22 -8.26
CA ALA A 174 -2.92 17.06 -7.07
C ALA A 174 -2.49 15.92 -6.10
N ILE A 175 -1.44 15.13 -6.44
CA ILE A 175 -1.01 14.03 -5.57
C ILE A 175 -0.17 14.54 -4.41
N LEU A 176 -0.49 14.10 -3.21
CA LEU A 176 0.27 14.45 -2.01
C LEU A 176 0.80 13.21 -1.30
N ARG A 177 1.98 13.35 -0.73
CA ARG A 177 2.66 12.26 -0.06
C ARG A 177 3.02 12.66 1.37
N LEU A 178 2.80 11.74 2.33
CA LEU A 178 3.20 11.89 3.74
C LEU A 178 4.10 10.71 4.06
N ASP A 179 5.30 10.97 4.60
CA ASP A 179 6.24 9.90 5.01
C ASP A 179 5.89 9.55 6.47
N LEU A 180 4.69 8.98 6.64
CA LEU A 180 4.05 8.61 7.89
C LEU A 180 3.06 7.49 7.56
N ALA A 181 3.28 6.31 8.11
CA ALA A 181 2.38 5.18 7.92
C ALA A 181 2.55 4.15 9.06
N GLY A 182 2.28 2.87 8.77
CA GLY A 182 2.31 1.76 9.73
C GLY A 182 3.57 1.61 10.55
N ARG A 183 4.74 1.73 9.88
CA ARG A 183 6.07 1.61 10.48
C ARG A 183 6.21 2.62 11.64
N ASP A 184 5.77 3.86 11.42
CA ASP A 184 5.80 4.98 12.36
C ASP A 184 4.87 4.77 13.55
N LEU A 185 3.68 4.19 13.28
CA LEU A 185 2.67 3.88 14.29
C LEU A 185 3.15 2.79 15.23
N THR A 186 3.75 1.70 14.68
CA THR A 186 4.34 0.58 15.44
C THR A 186 5.43 1.14 16.37
N ASP A 187 6.28 1.99 15.78
CA ASP A 187 7.37 2.68 16.45
C ASP A 187 6.88 3.55 17.59
N TYR A 188 5.80 4.31 17.34
CA TYR A 188 5.19 5.18 18.32
C TYR A 188 4.62 4.36 19.48
N LEU A 189 3.92 3.27 19.15
CA LEU A 189 3.34 2.35 20.12
C LEU A 189 4.39 1.75 21.09
N MET A 190 5.59 1.38 20.59
CA MET A 190 6.70 0.88 21.43
C MET A 190 7.14 1.97 22.43
N LYS A 191 7.21 3.24 21.94
CA LYS A 191 7.60 4.40 22.72
C LYS A 191 6.58 4.63 23.85
N ILE A 192 5.28 4.73 23.53
CA ILE A 192 4.20 4.93 24.50
C ILE A 192 3.94 3.77 25.46
N LEU A 193 4.26 2.51 25.04
CA LEU A 193 4.14 1.33 25.91
C LEU A 193 5.18 1.28 27.04
N THR A 194 6.26 2.11 26.97
CA THR A 194 7.26 2.20 28.04
C THR A 194 6.67 2.74 29.34
N GLU A 195 5.59 3.55 29.26
CA GLU A 195 4.85 4.14 30.40
C GLU A 195 4.25 3.05 31.31
N ARG A 196 4.02 1.86 30.74
CA ARG A 196 3.48 0.70 31.44
C ARG A 196 4.61 -0.22 31.94
N GLY A 197 5.84 0.26 31.85
CA GLY A 197 7.02 -0.49 32.26
C GLY A 197 7.43 -1.55 31.25
N TYR A 198 6.74 -1.58 30.11
CA TYR A 198 7.02 -2.54 29.03
C TYR A 198 8.27 -2.10 28.30
N SER A 199 9.12 -3.05 27.94
CA SER A 199 10.36 -2.71 27.26
C SER A 199 10.48 -3.43 25.92
N PHE A 200 9.84 -2.86 24.90
CA PHE A 200 9.89 -3.44 23.57
C PHE A 200 10.95 -2.68 22.82
N THR A 201 12.07 -3.36 22.52
CA THR A 201 13.22 -2.73 21.86
C THR A 201 13.76 -3.54 20.71
N THR A 202 13.93 -4.88 20.91
CA THR A 202 14.44 -5.79 19.88
C THR A 202 13.49 -5.85 18.68
N THR A 203 14.02 -6.18 17.49
CA THR A 203 13.23 -6.30 16.26
C THR A 203 12.12 -7.35 16.40
N ALA A 204 12.35 -8.44 17.18
CA ALA A 204 11.35 -9.48 17.46
C ALA A 204 10.25 -8.92 18.35
N GLU A 205 10.62 -7.98 19.27
CA GLU A 205 9.67 -7.29 20.15
C GLU A 205 8.90 -6.25 19.34
N ARG A 206 9.56 -5.63 18.31
CA ARG A 206 8.95 -4.67 17.38
C ARG A 206 7.82 -5.39 16.62
N GLU A 207 8.02 -6.70 16.33
CA GLU A 207 7.07 -7.58 15.64
C GLU A 207 5.85 -7.89 16.50
N ILE A 208 6.04 -8.01 17.85
CA ILE A 208 4.97 -8.26 18.82
C ILE A 208 4.05 -7.03 18.88
N VAL A 209 4.66 -5.82 18.98
CA VAL A 209 3.99 -4.52 19.05
C VAL A 209 3.18 -4.28 17.77
N ARG A 210 3.75 -4.62 16.59
CA ARG A 210 3.02 -4.53 15.32
C ARG A 210 1.77 -5.41 15.42
N ASP A 211 1.86 -6.61 16.05
CA ASP A 211 0.69 -7.46 16.22
C ASP A 211 -0.35 -6.82 17.15
N ILE A 212 0.09 -6.15 18.24
CA ILE A 212 -0.81 -5.49 19.18
C ILE A 212 -1.53 -4.36 18.42
N LYS A 213 -0.77 -3.60 17.64
CA LYS A 213 -1.31 -2.52 16.81
C LYS A 213 -2.42 -3.05 15.90
N GLU A 214 -2.16 -4.16 15.19
CA GLU A 214 -3.08 -4.79 14.25
C GLU A 214 -4.29 -5.44 14.85
N LYS A 215 -4.27 -5.76 16.16
CA LYS A 215 -5.36 -6.46 16.83
C LYS A 215 -6.19 -5.61 17.78
N LEU A 216 -5.54 -4.67 18.50
CA LEU A 216 -6.17 -3.87 19.54
C LEU A 216 -6.20 -2.36 19.29
N CYS A 217 -5.49 -1.86 18.27
CA CYS A 217 -5.55 -0.42 18.04
C CYS A 217 -6.80 -0.03 17.24
N TYR A 218 -7.25 1.22 17.41
CA TYR A 218 -8.41 1.80 16.75
C TYR A 218 -8.29 3.33 16.70
N VAL A 219 -9.13 3.97 15.89
CA VAL A 219 -9.14 5.42 15.75
C VAL A 219 -10.35 5.94 16.53
N ALA A 220 -10.11 6.89 17.45
CA ALA A 220 -11.14 7.53 18.27
C ALA A 220 -11.95 8.48 17.40
N LEU A 221 -13.26 8.59 17.64
CA LEU A 221 -14.11 9.53 16.88
C LEU A 221 -13.76 10.93 17.35
N ASP A 222 -13.65 11.10 18.67
CA ASP A 222 -13.21 12.33 19.31
C ASP A 222 -12.13 11.95 20.29
N PHE A 223 -10.86 12.23 19.91
CA PHE A 223 -9.67 11.95 20.72
C PHE A 223 -9.73 12.48 22.16
N GLU A 224 -10.04 13.78 22.31
CA GLU A 224 -10.17 14.49 23.58
C GLU A 224 -11.17 13.75 24.52
N GLN A 225 -12.36 13.41 23.99
CA GLN A 225 -13.40 12.66 24.70
C GLN A 225 -12.91 11.27 25.08
N GLU A 226 -12.31 10.55 24.11
CA GLU A 226 -11.79 9.20 24.30
C GLU A 226 -10.74 9.14 25.40
N MET A 227 -9.80 10.13 25.42
CA MET A 227 -8.77 10.30 26.45
C MET A 227 -9.41 10.47 27.84
N HIS A 228 -10.54 11.22 27.94
CA HIS A 228 -11.27 11.43 29.20
C HIS A 228 -11.85 10.09 29.68
N THR A 229 -12.52 9.33 28.77
CA THR A 229 -13.12 8.01 29.01
C THR A 229 -12.09 7.03 29.64
N ALA A 230 -10.91 6.87 28.99
CA ALA A 230 -9.80 6.01 29.43
C ALA A 230 -9.23 6.46 30.79
N ALA A 231 -9.28 7.78 31.07
CA ALA A 231 -8.80 8.36 32.32
C ALA A 231 -9.84 8.18 33.41
N SER A 232 -11.13 8.19 33.04
CA SER A 232 -12.24 8.04 33.97
C SER A 232 -12.60 6.57 34.28
N SER A 233 -12.39 5.64 33.32
CA SER A 233 -12.75 4.23 33.54
C SER A 233 -11.67 3.20 33.09
N SER A 234 -12.07 1.91 33.01
CA SER A 234 -11.25 0.79 32.60
C SER A 234 -11.95 0.03 31.45
N ALA A 235 -12.97 0.68 30.85
CA ALA A 235 -13.77 0.17 29.73
C ALA A 235 -12.97 -0.10 28.48
N LEU A 236 -11.92 0.71 28.23
CA LEU A 236 -11.08 0.61 27.03
C LEU A 236 -9.82 -0.25 27.20
N GLU A 237 -9.55 -0.75 28.45
CA GLU A 237 -8.38 -1.60 28.71
C GLU A 237 -8.57 -2.99 28.10
N LYS A 238 -7.57 -3.48 27.34
CA LYS A 238 -7.60 -4.78 26.66
C LYS A 238 -6.38 -5.62 27.01
N SER A 239 -6.56 -6.94 27.11
CA SER A 239 -5.49 -7.85 27.44
C SER A 239 -4.84 -8.38 26.20
N TYR A 240 -3.55 -8.71 26.28
CA TYR A 240 -2.79 -9.29 25.19
C TYR A 240 -1.81 -10.30 25.74
N GLU A 241 -1.81 -11.50 25.16
CA GLU A 241 -0.93 -12.57 25.59
C GLU A 241 0.30 -12.56 24.71
N LEU A 242 1.48 -12.45 25.33
CA LEU A 242 2.77 -12.43 24.62
C LEU A 242 3.18 -13.87 24.22
N PRO A 243 4.13 -14.09 23.27
CA PRO A 243 4.48 -15.47 22.90
C PRO A 243 4.97 -16.33 24.06
N ASP A 244 5.79 -15.76 24.98
CA ASP A 244 6.34 -16.41 26.18
C ASP A 244 5.27 -17.00 27.10
N GLY A 245 4.08 -16.40 27.07
CA GLY A 245 2.93 -16.79 27.88
C GLY A 245 2.45 -15.69 28.81
N GLN A 246 3.28 -14.63 29.00
CA GLN A 246 2.99 -13.48 29.85
C GLN A 246 1.87 -12.61 29.23
N VAL A 247 0.97 -12.09 30.09
CA VAL A 247 -0.17 -11.27 29.67
C VAL A 247 -0.01 -9.79 30.06
N ILE A 248 -0.13 -8.87 29.08
CA ILE A 248 -0.04 -7.41 29.29
C ILE A 248 -1.37 -6.71 29.04
N THR A 249 -1.53 -5.48 29.56
CA THR A 249 -2.71 -4.64 29.39
C THR A 249 -2.34 -3.38 28.62
N ILE A 250 -3.25 -2.93 27.74
CA ILE A 250 -3.11 -1.74 26.89
C ILE A 250 -4.40 -0.90 27.03
N GLY A 251 -4.25 0.39 27.33
CA GLY A 251 -5.35 1.32 27.52
C GLY A 251 -5.43 2.35 26.42
N ASN A 252 -5.22 3.63 26.78
CA ASN A 252 -5.29 4.75 25.82
C ASN A 252 -4.33 4.65 24.64
N GLU A 253 -3.29 3.80 24.75
CA GLU A 253 -2.32 3.55 23.68
C GLU A 253 -3.00 2.97 22.46
N ARG A 254 -4.20 2.36 22.65
CA ARG A 254 -5.01 1.74 21.60
C ARG A 254 -5.44 2.78 20.56
N PHE A 255 -5.78 3.99 21.00
CA PHE A 255 -6.21 5.03 20.06
C PHE A 255 -5.18 6.18 19.92
N ARG A 256 -4.19 6.27 20.85
CA ARG A 256 -3.13 7.30 20.79
C ARG A 256 -2.16 7.08 19.62
N ALA A 257 -1.78 5.79 19.38
CA ALA A 257 -0.89 5.45 18.27
C ALA A 257 -1.56 5.80 16.93
N PRO A 258 -2.82 5.37 16.60
CA PRO A 258 -3.42 5.77 15.31
C PRO A 258 -3.76 7.25 15.23
N GLU A 259 -3.85 7.95 16.38
CA GLU A 259 -4.13 9.39 16.41
C GLU A 259 -3.03 10.18 15.67
N ALA A 260 -1.79 9.64 15.68
CA ALA A 260 -0.65 10.24 14.98
C ALA A 260 -0.90 10.43 13.47
N LEU A 261 -1.89 9.70 12.88
CA LEU A 261 -2.23 9.85 11.46
C LEU A 261 -2.93 11.18 11.23
N PHE A 262 -3.67 11.64 12.25
CA PHE A 262 -4.45 12.87 12.25
C PHE A 262 -3.68 13.98 12.90
N GLN A 263 -2.73 13.63 13.80
CA GLN A 263 -1.88 14.59 14.53
C GLN A 263 -0.42 14.16 14.44
N PRO A 264 0.22 14.40 13.27
CA PRO A 264 1.65 14.06 13.11
C PRO A 264 2.64 14.64 14.12
N SER A 265 2.24 15.67 14.91
CA SER A 265 3.06 16.31 15.96
C SER A 265 3.39 15.34 17.09
N PHE A 266 2.54 14.29 17.26
CA PHE A 266 2.73 13.21 18.24
C PHE A 266 4.04 12.49 17.92
N LEU A 267 4.40 12.40 16.61
CA LEU A 267 5.64 11.80 16.09
C LEU A 267 6.77 12.85 15.93
N GLY A 268 6.47 14.09 16.29
CA GLY A 268 7.39 15.20 16.13
C GLY A 268 7.48 15.69 14.69
N MET A 269 6.42 15.47 13.90
CA MET A 269 6.36 15.89 12.49
C MET A 269 5.53 17.16 12.32
N GLU A 270 5.95 18.04 11.37
CA GLU A 270 5.23 19.27 11.08
C GLU A 270 4.13 19.06 9.99
N SER A 271 4.04 17.85 9.43
CA SER A 271 3.02 17.50 8.43
C SER A 271 1.57 17.76 8.88
N ALA A 272 0.69 18.00 7.90
CA ALA A 272 -0.75 18.07 8.10
C ALA A 272 -1.20 16.58 8.18
N GLY A 273 -2.22 16.31 9.01
CA GLY A 273 -2.79 14.97 9.18
C GLY A 273 -3.38 14.40 7.91
N ILE A 274 -3.79 13.14 7.93
CA ILE A 274 -4.35 12.44 6.78
C ILE A 274 -5.66 13.03 6.23
N HIS A 275 -6.43 13.69 7.12
CA HIS A 275 -7.69 14.33 6.76
C HIS A 275 -7.45 15.61 5.97
N GLU A 276 -6.49 16.46 6.43
CA GLU A 276 -6.13 17.74 5.81
C GLU A 276 -5.40 17.51 4.49
N THR A 277 -4.64 16.40 4.39
CA THR A 277 -3.90 16.04 3.19
C THR A 277 -4.90 15.68 2.06
N THR A 278 -5.94 14.90 2.41
CA THR A 278 -7.04 14.50 1.53
C THR A 278 -7.74 15.76 1.01
N TYR A 279 -8.03 16.73 1.92
CA TYR A 279 -8.65 18.00 1.58
C TYR A 279 -7.72 18.85 0.68
N ASN A 280 -6.41 18.91 0.97
CA ASN A 280 -5.46 19.64 0.16
C ASN A 280 -5.40 19.10 -1.29
N SER A 281 -5.48 17.75 -1.45
CA SER A 281 -5.51 17.09 -2.75
C SER A 281 -6.76 17.43 -3.54
N ILE A 282 -7.94 17.44 -2.87
CA ILE A 282 -9.22 17.78 -3.50
C ILE A 282 -9.15 19.25 -4.00
N MET A 283 -8.56 20.12 -3.18
CA MET A 283 -8.43 21.55 -3.50
C MET A 283 -7.48 21.89 -4.67
N LYS A 284 -6.57 20.97 -4.99
CA LYS A 284 -5.64 21.09 -6.11
C LYS A 284 -6.31 20.73 -7.44
N CYS A 285 -7.49 20.10 -7.37
CA CYS A 285 -8.32 19.71 -8.51
C CYS A 285 -9.38 20.73 -8.85
N ASP A 286 -9.78 20.71 -10.13
CA ASP A 286 -10.81 21.55 -10.70
C ASP A 286 -12.06 21.41 -9.83
N VAL A 287 -12.73 22.52 -9.58
CA VAL A 287 -13.96 22.61 -8.80
C VAL A 287 -15.05 21.64 -9.33
N ASP A 288 -15.13 21.44 -10.67
CA ASP A 288 -16.14 20.59 -11.36
C ASP A 288 -16.15 19.10 -11.00
N ILE A 289 -15.01 18.58 -10.53
CA ILE A 289 -14.89 17.18 -10.17
C ILE A 289 -14.85 16.92 -8.65
N ARG A 290 -14.84 17.99 -7.82
CA ARG A 290 -14.73 17.88 -6.35
C ARG A 290 -15.85 17.11 -5.70
N LYS A 291 -17.06 17.27 -6.24
CA LYS A 291 -18.25 16.56 -5.82
C LYS A 291 -17.97 15.04 -6.02
N ASP A 292 -17.35 14.67 -7.16
CA ASP A 292 -16.96 13.29 -7.49
C ASP A 292 -15.84 12.76 -6.63
N LEU A 293 -14.99 13.64 -6.08
CA LEU A 293 -13.89 13.26 -5.21
C LEU A 293 -14.42 13.00 -3.78
N TYR A 294 -15.12 13.98 -3.22
CA TYR A 294 -15.73 13.91 -1.89
C TYR A 294 -16.73 12.73 -1.75
N GLY A 295 -17.45 12.44 -2.84
CA GLY A 295 -18.42 11.35 -2.92
C GLY A 295 -17.82 9.99 -3.20
N ASN A 296 -16.50 9.91 -3.39
CA ASN A 296 -15.79 8.67 -3.68
C ASN A 296 -14.42 8.66 -2.99
N VAL A 297 -14.40 8.72 -1.64
CA VAL A 297 -13.15 8.69 -0.87
C VAL A 297 -12.87 7.23 -0.56
N VAL A 298 -11.89 6.65 -1.23
CA VAL A 298 -11.52 5.24 -1.07
C VAL A 298 -10.29 5.05 -0.16
N LEU A 299 -10.49 4.30 0.92
CA LEU A 299 -9.43 3.97 1.84
C LEU A 299 -8.73 2.69 1.36
N SER A 300 -7.40 2.73 1.37
CA SER A 300 -6.60 1.63 0.88
C SER A 300 -5.38 1.36 1.77
N GLY A 301 -4.92 0.13 1.80
CA GLY A 301 -3.70 -0.20 2.53
C GLY A 301 -3.94 -0.64 3.94
N GLY A 302 -2.93 -1.30 4.52
CA GLY A 302 -3.00 -1.89 5.85
C GLY A 302 -3.21 -0.89 6.96
N THR A 303 -2.63 0.27 6.85
CA THR A 303 -2.73 1.31 7.87
C THR A 303 -4.15 1.97 7.93
N THR A 304 -5.00 1.78 6.90
CA THR A 304 -6.38 2.29 6.91
C THR A 304 -7.33 1.23 7.51
N MET A 305 -6.79 0.10 7.96
CA MET A 305 -7.54 -1.03 8.50
C MET A 305 -8.12 -0.77 9.87
N PHE A 306 -7.62 0.24 10.57
CA PHE A 306 -8.08 0.60 11.92
C PHE A 306 -9.58 0.72 12.08
N PRO A 307 -10.18 0.05 13.07
CA PRO A 307 -11.61 0.28 13.34
C PRO A 307 -11.78 1.75 13.77
N GLY A 308 -12.84 2.40 13.28
CA GLY A 308 -13.15 3.80 13.55
C GLY A 308 -12.58 4.81 12.55
N ILE A 309 -11.58 4.43 11.75
CA ILE A 309 -10.93 5.33 10.76
C ILE A 309 -11.88 5.98 9.73
N ALA A 310 -12.84 5.22 9.21
CA ALA A 310 -13.78 5.71 8.21
C ALA A 310 -14.66 6.82 8.80
N ASP A 311 -15.25 6.58 10.01
CA ASP A 311 -16.10 7.56 10.68
C ASP A 311 -15.35 8.85 11.02
N ARG A 312 -14.08 8.68 11.47
CA ARG A 312 -13.19 9.77 11.82
C ARG A 312 -12.86 10.61 10.58
N MET A 313 -12.60 9.96 9.45
CA MET A 313 -12.37 10.64 8.16
C MET A 313 -13.64 11.37 7.69
N GLN A 314 -14.82 10.76 7.87
CA GLN A 314 -16.12 11.35 7.53
C GLN A 314 -16.31 12.62 8.34
N LYS A 315 -16.06 12.58 9.67
CA LYS A 315 -16.22 13.71 10.60
C LYS A 315 -15.23 14.83 10.25
N GLU A 316 -13.93 14.46 10.07
CA GLU A 316 -12.88 15.42 9.77
C GLU A 316 -13.11 16.10 8.43
N LEU A 317 -13.41 15.31 7.37
CA LEU A 317 -13.68 15.85 6.04
C LEU A 317 -14.91 16.76 6.03
N THR A 318 -15.97 16.40 6.79
CA THR A 318 -17.21 17.20 6.90
C THR A 318 -16.94 18.60 7.45
N ALA A 319 -15.98 18.70 8.39
CA ALA A 319 -15.58 19.95 9.04
C ALA A 319 -14.81 20.88 8.10
N LEU A 320 -14.19 20.33 7.05
CA LEU A 320 -13.39 21.09 6.07
C LEU A 320 -14.15 21.39 4.76
N ALA A 321 -15.06 20.49 4.36
CA ALA A 321 -15.81 20.54 3.10
C ALA A 321 -16.90 21.60 3.05
N PRO A 322 -17.31 22.11 1.84
CA PRO A 322 -18.49 23.02 1.77
C PRO A 322 -19.67 22.32 2.42
N SER A 323 -20.48 23.06 3.18
CA SER A 323 -21.64 22.59 3.93
C SER A 323 -22.66 21.82 3.11
N THR A 324 -22.75 22.14 1.80
CA THR A 324 -23.68 21.49 0.89
C THR A 324 -23.17 20.18 0.27
N MET A 325 -21.89 19.84 0.51
CA MET A 325 -21.17 18.69 -0.07
C MET A 325 -21.46 17.34 0.55
N LYS A 326 -21.87 16.36 -0.28
CA LYS A 326 -22.09 14.97 0.16
C LYS A 326 -20.73 14.26 0.10
N ILE A 327 -20.25 13.82 1.28
CA ILE A 327 -18.99 13.09 1.50
C ILE A 327 -19.30 11.63 1.72
N LYS A 328 -18.61 10.74 0.98
CA LYS A 328 -18.78 9.30 1.11
C LYS A 328 -17.41 8.62 1.25
N ILE A 329 -17.20 7.91 2.39
CA ILE A 329 -15.98 7.14 2.67
C ILE A 329 -16.25 5.68 2.33
N ILE A 330 -15.38 5.09 1.50
CA ILE A 330 -15.43 3.70 1.06
C ILE A 330 -14.18 3.01 1.61
N ALA A 331 -14.39 2.14 2.59
CA ALA A 331 -13.36 1.39 3.29
C ALA A 331 -13.70 -0.11 3.16
N PRO A 332 -13.38 -0.75 2.01
CA PRO A 332 -13.73 -2.20 1.87
C PRO A 332 -13.04 -3.04 2.96
N PRO A 333 -13.63 -4.15 3.45
CA PRO A 333 -12.92 -4.94 4.49
C PRO A 333 -11.64 -5.62 4.01
N GLU A 334 -11.47 -5.72 2.69
CA GLU A 334 -10.28 -6.33 2.08
C GLU A 334 -9.25 -5.28 1.62
N ARG A 335 -9.40 -4.00 2.06
CA ARG A 335 -8.51 -2.88 1.71
C ARG A 335 -7.01 -3.03 1.93
N LYS A 336 -6.60 -4.04 2.74
CA LYS A 336 -5.21 -4.39 2.97
C LYS A 336 -4.60 -4.97 1.66
N TYR A 337 -5.42 -5.59 0.77
CA TYR A 337 -5.01 -6.22 -0.51
C TYR A 337 -5.71 -5.61 -1.74
N SER A 338 -6.39 -4.47 -1.60
CA SER A 338 -7.12 -3.86 -2.71
C SER A 338 -6.26 -3.44 -3.91
N VAL A 339 -5.00 -3.01 -3.67
CA VAL A 339 -4.02 -2.67 -4.72
C VAL A 339 -3.79 -3.93 -5.55
N TRP A 340 -3.51 -5.05 -4.87
CA TRP A 340 -3.32 -6.33 -5.54
C TRP A 340 -4.58 -6.78 -6.30
N ILE A 341 -5.76 -6.75 -5.63
CA ILE A 341 -7.08 -7.13 -6.19
C ILE A 341 -7.42 -6.35 -7.46
N GLY A 342 -7.14 -5.04 -7.45
CA GLY A 342 -7.37 -4.16 -8.59
C GLY A 342 -6.50 -4.57 -9.76
N GLY A 343 -5.24 -4.97 -9.47
CA GLY A 343 -4.29 -5.47 -10.46
C GLY A 343 -4.79 -6.78 -11.05
N SER A 344 -5.24 -7.70 -10.18
CA SER A 344 -5.83 -8.97 -10.62
C SER A 344 -7.01 -8.75 -11.56
N ILE A 345 -7.91 -7.78 -11.23
CA ILE A 345 -9.05 -7.42 -12.06
C ILE A 345 -8.56 -6.85 -13.38
N LEU A 346 -7.66 -5.83 -13.29
CA LEU A 346 -7.13 -5.16 -14.46
C LEU A 346 -6.48 -6.11 -15.47
N ALA A 347 -5.48 -6.90 -15.02
CA ALA A 347 -4.76 -7.80 -15.94
C ALA A 347 -5.57 -9.01 -16.51
N SER A 348 -6.71 -9.37 -15.86
CA SER A 348 -7.57 -10.47 -16.32
C SER A 348 -8.79 -9.97 -17.13
N LEU A 349 -8.87 -8.66 -17.39
CA LEU A 349 -9.96 -8.11 -18.15
C LEU A 349 -9.66 -8.22 -19.64
N SER A 350 -10.65 -8.65 -20.43
CA SER A 350 -10.57 -8.80 -21.90
C SER A 350 -10.17 -7.50 -22.58
N THR A 351 -10.69 -6.39 -22.06
CA THR A 351 -10.54 -5.05 -22.58
C THR A 351 -9.16 -4.49 -22.29
N PHE A 352 -8.43 -5.13 -21.35
CA PHE A 352 -7.07 -4.72 -21.00
C PHE A 352 -6.00 -5.41 -21.90
N GLN A 353 -6.33 -6.53 -22.51
CA GLN A 353 -5.38 -7.32 -23.31
C GLN A 353 -4.56 -6.56 -24.41
N GLN A 354 -5.10 -5.45 -24.94
CA GLN A 354 -4.42 -4.63 -25.95
C GLN A 354 -3.55 -3.53 -25.35
N MET A 355 -3.63 -3.34 -24.01
CA MET A 355 -2.94 -2.33 -23.23
C MET A 355 -1.49 -2.73 -22.90
N TRP A 356 -1.23 -4.06 -22.77
CA TRP A 356 0.10 -4.59 -22.41
C TRP A 356 1.18 -4.07 -23.35
N ILE A 357 2.38 -3.85 -22.82
CA ILE A 357 3.54 -3.48 -23.62
C ILE A 357 4.13 -4.81 -23.99
N SER A 358 4.17 -5.13 -25.27
CA SER A 358 4.78 -6.37 -25.75
C SER A 358 6.31 -6.19 -25.86
N LYS A 359 7.06 -7.31 -25.93
CA LYS A 359 8.50 -7.31 -26.15
C LYS A 359 8.83 -6.70 -27.51
N GLU A 360 8.04 -7.05 -28.55
CA GLU A 360 8.17 -6.53 -29.91
C GLU A 360 8.19 -4.99 -29.86
N GLU A 361 7.17 -4.37 -29.18
CA GLU A 361 7.08 -2.92 -29.01
C GLU A 361 8.30 -2.35 -28.27
N TYR A 362 8.74 -3.05 -27.21
CA TYR A 362 9.88 -2.63 -26.43
C TYR A 362 11.18 -2.69 -27.21
N ASP A 363 11.39 -3.76 -27.99
CA ASP A 363 12.61 -3.95 -28.79
C ASP A 363 12.79 -2.85 -29.82
N GLU A 364 11.66 -2.31 -30.31
CA GLU A 364 11.58 -1.22 -31.28
C GLU A 364 11.77 0.18 -30.63
N SER A 365 11.25 0.39 -29.40
CA SER A 365 11.25 1.71 -28.74
C SER A 365 12.16 1.92 -27.55
N GLY A 366 12.58 0.84 -26.89
CA GLY A 366 13.34 0.96 -25.64
C GLY A 366 12.46 1.28 -24.44
N PRO A 367 13.04 1.42 -23.22
CA PRO A 367 12.20 1.64 -22.02
C PRO A 367 11.21 2.81 -22.02
N SER A 368 11.55 3.90 -22.77
CA SER A 368 10.74 5.12 -22.92
C SER A 368 9.27 4.85 -23.31
N ILE A 369 8.99 3.65 -23.88
CA ILE A 369 7.66 3.19 -24.29
C ILE A 369 6.64 3.20 -23.14
N VAL A 370 7.09 2.93 -21.88
CA VAL A 370 6.25 2.94 -20.67
C VAL A 370 5.48 4.28 -20.50
N HIS A 371 6.10 5.40 -20.87
CA HIS A 371 5.53 6.74 -20.75
C HIS A 371 4.29 6.91 -21.65
N ARG A 372 4.40 6.50 -22.92
CA ARG A 372 3.34 6.53 -23.92
C ARG A 372 2.24 5.49 -23.67
N LYS A 373 2.59 4.37 -23.01
CA LYS A 373 1.70 3.24 -22.77
C LYS A 373 1.08 3.11 -21.38
N CYS A 374 1.85 3.42 -20.32
CA CYS A 374 1.37 3.30 -18.94
C CYS A 374 1.11 4.66 -18.31
N PRO B 39 -16.15 1.94 -29.44
CA PRO B 39 -15.64 3.27 -29.09
C PRO B 39 -14.14 3.23 -28.73
N SER B 40 -13.66 4.21 -27.91
CA SER B 40 -12.27 4.27 -27.49
C SER B 40 -11.88 3.03 -26.67
N PRO B 41 -10.67 2.43 -26.92
CA PRO B 41 -10.27 1.23 -26.14
C PRO B 41 -10.25 1.48 -24.63
N ARG B 42 -9.84 2.71 -24.22
CA ARG B 42 -9.76 3.17 -22.84
C ARG B 42 -11.15 3.28 -22.22
N GLU B 43 -12.14 3.72 -23.02
CA GLU B 43 -13.53 3.86 -22.55
C GLU B 43 -14.18 2.50 -22.30
N GLN B 44 -13.80 1.50 -23.09
CA GLN B 44 -14.31 0.15 -22.97
C GLN B 44 -13.74 -0.52 -21.72
N LEU B 45 -12.46 -0.19 -21.40
CA LEU B 45 -11.72 -0.69 -20.22
C LEU B 45 -12.41 -0.15 -19.00
N MET B 46 -12.62 1.21 -18.97
CA MET B 46 -13.24 1.97 -17.88
C MET B 46 -14.60 1.42 -17.56
N GLU B 47 -15.40 1.16 -18.62
CA GLU B 47 -16.73 0.57 -18.51
C GLU B 47 -16.70 -0.84 -17.92
N SER B 48 -15.73 -1.69 -18.32
CA SER B 48 -15.64 -3.05 -17.78
C SER B 48 -15.19 -3.09 -16.32
N ILE B 49 -14.36 -2.10 -15.90
CA ILE B 49 -13.92 -1.92 -14.54
C ILE B 49 -15.13 -1.54 -13.65
N ARG B 50 -16.02 -0.66 -14.19
CA ARG B 50 -17.21 -0.21 -13.46
C ARG B 50 -18.21 -1.37 -13.29
N LYS B 51 -18.29 -2.24 -14.31
CA LYS B 51 -19.13 -3.44 -14.30
C LYS B 51 -18.66 -4.37 -13.16
N GLY B 52 -17.35 -4.49 -13.01
CA GLY B 52 -16.70 -5.36 -12.04
C GLY B 52 -16.67 -6.78 -12.57
N LYS B 53 -16.06 -7.70 -11.84
CA LYS B 53 -16.04 -9.11 -12.24
C LYS B 53 -15.83 -10.04 -11.03
N GLU B 54 -16.18 -11.33 -11.17
CA GLU B 54 -15.91 -12.29 -10.11
C GLU B 54 -14.47 -12.73 -10.28
N LEU B 55 -13.80 -13.02 -9.16
CA LEU B 55 -12.44 -13.51 -9.17
C LEU B 55 -12.43 -14.90 -8.60
N LYS B 56 -11.48 -15.74 -9.06
CA LYS B 56 -11.36 -17.13 -8.67
C LYS B 56 -10.87 -17.24 -7.21
N GLN B 57 -11.64 -17.92 -6.38
CA GLN B 57 -11.33 -18.12 -4.97
C GLN B 57 -10.17 -19.09 -4.83
N ILE B 58 -9.14 -18.72 -4.07
CA ILE B 58 -7.95 -19.56 -3.94
C ILE B 58 -7.64 -20.11 -2.54
#